data_5T07
#
_entry.id   5T07
#
_cell.length_a   63.923
_cell.length_b   97.120
_cell.length_c   97.696
_cell.angle_alpha   90.000
_cell.angle_beta   90.000
_cell.angle_gamma   90.000
#
_symmetry.space_group_name_H-M   'P 21 21 21'
#
loop_
_entity.id
_entity.type
_entity.pdbx_description
1 polymer 'Acyl-CoA thioester hydrolase YbgC'
2 non-polymer decanoyl-CoA
3 water water
#
_entity_poly.entity_id   1
_entity_poly.type   'polypeptide(L)'
_entity_poly.pdbx_seq_one_letter_code
;VNTTLFRWPVRVYYEDTAAGGVVYHASYVAFYERARTEMLRHHHFSQQALMAERVAFVVRKMTVEYYAPARLDDMLEIQT
EITSMRGTSLVFTQRIVNAENTLLNEAEVLVVCVDPLKMKPRALPKSIVAEFKQ
;
_entity_poly.pdbx_strand_id   A,B,C,D
#
# COMPACT_ATOMS: atom_id res chain seq x y z
N THR A 3 -19.23 -9.26 25.41
CA THR A 3 -17.82 -9.59 25.20
C THR A 3 -17.67 -10.61 24.09
N THR A 4 -18.34 -10.38 22.96
CA THR A 4 -18.32 -11.35 21.85
C THR A 4 -17.15 -11.01 20.93
N LEU A 5 -15.98 -11.49 21.34
CA LEU A 5 -14.74 -11.29 20.62
C LEU A 5 -14.79 -11.99 19.25
N PHE A 6 -14.08 -11.42 18.29
CA PHE A 6 -13.90 -12.04 16.98
C PHE A 6 -12.42 -12.10 16.66
N ARG A 7 -11.95 -13.24 16.18
CA ARG A 7 -10.54 -13.47 15.89
C ARG A 7 -10.32 -13.59 14.38
N TRP A 8 -9.22 -13.00 13.89
CA TRP A 8 -8.90 -13.04 12.47
C TRP A 8 -7.41 -13.24 12.25
N PRO A 9 -6.98 -14.27 11.52
CA PRO A 9 -5.56 -14.50 11.30
C PRO A 9 -5.04 -13.67 10.13
N VAL A 10 -3.78 -13.24 10.25
CA VAL A 10 -3.12 -12.48 9.18
C VAL A 10 -1.67 -12.94 9.06
N ARG A 11 -1.26 -13.33 7.87
CA ARG A 11 0.13 -13.64 7.58
C ARG A 11 0.86 -12.39 7.10
N VAL A 12 2.08 -12.18 7.60
CA VAL A 12 2.88 -11.01 7.19
C VAL A 12 3.66 -11.36 5.93
N TYR A 13 3.45 -10.57 4.87
CA TYR A 13 4.15 -10.73 3.59
C TYR A 13 5.16 -9.63 3.37
N TYR A 14 6.02 -9.82 2.36
CA TYR A 14 7.03 -8.80 2.04
C TYR A 14 6.44 -7.40 1.91
N GLU A 15 5.28 -7.28 1.24
CA GLU A 15 4.64 -5.98 1.03
C GLU A 15 4.38 -5.23 2.33
N ASP A 16 4.23 -5.95 3.44
CA ASP A 16 3.91 -5.34 4.73
C ASP A 16 5.14 -4.85 5.48
N THR A 17 6.34 -5.21 5.04
CA THR A 17 7.56 -4.92 5.76
C THR A 17 8.18 -3.64 5.23
N ALA A 18 9.09 -3.09 6.01
CA ALA A 18 9.84 -1.93 5.60
C ALA A 18 11.33 -2.22 5.79
N ALA A 19 12.16 -1.34 5.23
CA ALA A 19 13.59 -1.41 5.47
C ALA A 19 13.86 -1.43 6.97
N GLY A 20 14.81 -2.25 7.39
CA GLY A 20 15.03 -2.53 8.79
C GLY A 20 14.41 -3.83 9.25
N GLY A 21 13.45 -4.38 8.51
CA GLY A 21 12.99 -5.74 8.73
C GLY A 21 11.79 -5.91 9.62
N VAL A 22 11.07 -4.84 9.94
CA VAL A 22 9.86 -4.94 10.75
C VAL A 22 8.68 -4.51 9.89
N VAL A 23 7.47 -4.79 10.38
CA VAL A 23 6.26 -4.39 9.67
C VAL A 23 6.09 -2.88 9.73
N TYR A 24 5.76 -2.27 8.59
CA TYR A 24 5.55 -0.84 8.53
C TYR A 24 4.36 -0.44 9.40
N HIS A 25 4.46 0.73 10.07
CA HIS A 25 3.48 1.03 11.12
C HIS A 25 2.08 1.22 10.56
N ALA A 26 1.95 1.67 9.31
CA ALA A 26 0.64 1.81 8.70
C ALA A 26 0.03 0.48 8.27
N SER A 27 0.85 -0.56 8.07
CA SER A 27 0.31 -1.85 7.68
C SER A 27 -0.58 -2.43 8.79
N TYR A 28 -0.20 -2.20 10.04
CA TYR A 28 -1.03 -2.66 11.15
C TYR A 28 -2.42 -2.04 11.07
N VAL A 29 -2.49 -0.76 10.68
CA VAL A 29 -3.77 -0.09 10.53
C VAL A 29 -4.64 -0.81 9.52
N ALA A 30 -4.05 -1.20 8.39
CA ALA A 30 -4.80 -1.99 7.41
C ALA A 30 -5.24 -3.33 7.99
N PHE A 31 -4.35 -4.02 8.72
CA PHE A 31 -4.72 -5.30 9.32
C PHE A 31 -5.95 -5.15 10.23
N TYR A 32 -5.97 -4.10 11.06
CA TYR A 32 -7.12 -3.90 11.92
C TYR A 32 -8.39 -3.68 11.11
N GLU A 33 -8.30 -2.94 10.00
CA GLU A 33 -9.46 -2.74 9.15
C GLU A 33 -9.96 -4.06 8.58
N ARG A 34 -9.06 -4.92 8.11
CA ARG A 34 -9.47 -6.24 7.61
C ARG A 34 -10.27 -6.98 8.66
N ALA A 35 -9.82 -6.94 9.92
CA ALA A 35 -10.50 -7.70 10.97
C ALA A 35 -11.90 -7.15 11.24
N ARG A 36 -12.05 -5.81 11.24
CA ARG A 36 -13.40 -5.26 11.41
C ARG A 36 -14.29 -5.69 10.27
N THR A 37 -13.77 -5.66 9.05
CA THR A 37 -14.54 -6.09 7.88
C THR A 37 -14.94 -7.56 8.00
N GLU A 38 -14.02 -8.42 8.46
CA GLU A 38 -14.36 -9.83 8.61
C GLU A 38 -15.31 -10.05 9.78
N MET A 39 -15.25 -9.22 10.81
CA MET A 39 -16.22 -9.36 11.88
C MET A 39 -17.62 -9.00 11.38
N LEU A 40 -17.73 -7.94 10.56
CA LEU A 40 -19.01 -7.66 9.93
C LEU A 40 -19.46 -8.80 9.00
N ARG A 41 -18.53 -9.35 8.22
CA ARG A 41 -18.89 -10.40 7.28
C ARG A 41 -19.39 -11.65 8.00
N HIS A 42 -18.75 -12.00 9.12
CA HIS A 42 -19.18 -13.15 9.93
C HIS A 42 -20.60 -12.94 10.44
N HIS A 43 -21.03 -11.70 10.57
CA HIS A 43 -22.38 -11.36 11.01
C HIS A 43 -23.30 -10.99 9.85
N HIS A 44 -22.88 -11.29 8.62
CA HIS A 44 -23.70 -11.32 7.40
C HIS A 44 -23.91 -9.95 6.77
N PHE A 45 -22.91 -9.08 6.86
CA PHE A 45 -22.95 -7.78 6.23
C PHE A 45 -21.76 -7.56 5.31
N SER A 46 -22.03 -7.00 4.12
CA SER A 46 -21.02 -6.68 3.11
C SER A 46 -21.02 -5.19 2.87
N GLN A 47 -19.85 -4.55 3.01
CA GLN A 47 -19.76 -3.11 2.81
C GLN A 47 -19.92 -2.73 1.33
N GLN A 48 -19.49 -3.60 0.42
CA GLN A 48 -19.76 -3.33 -0.99
C GLN A 48 -21.26 -3.31 -1.26
N ALA A 49 -22.00 -4.24 -0.64
CA ALA A 49 -23.45 -4.24 -0.81
C ALA A 49 -24.11 -3.07 -0.10
N LEU A 50 -23.60 -2.70 1.07
CA LEU A 50 -24.20 -1.60 1.83
C LEU A 50 -24.02 -0.28 1.10
N MET A 51 -22.89 -0.12 0.40
CA MET A 51 -22.68 1.07 -0.40
C MET A 51 -23.85 1.31 -1.36
N ALA A 52 -24.38 0.23 -1.95
CA ALA A 52 -25.50 0.36 -2.88
C ALA A 52 -26.73 0.91 -2.19
N GLU A 53 -26.85 0.72 -0.88
CA GLU A 53 -27.94 1.27 -0.09
C GLU A 53 -27.59 2.59 0.58
N ARG A 54 -26.51 3.22 0.15
CA ARG A 54 -26.06 4.49 0.73
C ARG A 54 -25.81 4.35 2.24
N VAL A 55 -25.16 3.25 2.61
CA VAL A 55 -24.69 3.01 3.96
C VAL A 55 -23.20 2.71 3.90
N ALA A 56 -22.40 3.45 4.67
CA ALA A 56 -20.97 3.21 4.72
C ALA A 56 -20.46 3.50 6.11
N PHE A 57 -19.24 3.05 6.39
CA PHE A 57 -18.59 3.23 7.69
C PHE A 57 -17.23 3.88 7.49
N VAL A 58 -16.99 4.98 8.19
CA VAL A 58 -15.71 5.69 8.10
C VAL A 58 -15.07 5.77 9.49
N VAL A 59 -13.74 5.80 9.50
CA VAL A 59 -13.01 5.98 10.75
C VAL A 59 -13.01 7.45 11.11
N ARG A 60 -13.44 7.76 12.34
CA ARG A 60 -13.44 9.14 12.82
C ARG A 60 -12.28 9.41 13.77
N LYS A 61 -11.85 8.43 14.55
CA LYS A 61 -10.72 8.63 15.45
C LYS A 61 -10.08 7.28 15.70
N MET A 62 -8.75 7.26 15.83
CA MET A 62 -8.05 6.00 16.05
C MET A 62 -6.83 6.24 16.92
N THR A 63 -6.62 5.38 17.91
CA THR A 63 -5.41 5.40 18.73
C THR A 63 -4.75 4.04 18.60
N VAL A 64 -3.44 4.02 18.33
CA VAL A 64 -2.71 2.77 18.12
C VAL A 64 -1.47 2.77 19.02
N GLU A 65 -1.24 1.65 19.71
CA GLU A 65 -0.06 1.46 20.56
C GLU A 65 0.78 0.32 20.00
N TYR A 66 2.07 0.59 19.79
CA TYR A 66 3.01 -0.35 19.16
C TYR A 66 3.96 -0.85 20.25
N TYR A 67 3.71 -2.06 20.76
CA TYR A 67 4.53 -2.56 21.87
C TYR A 67 5.75 -3.34 21.40
N ALA A 68 5.60 -4.11 20.32
CA ALA A 68 6.64 -4.99 19.83
C ALA A 68 6.37 -5.26 18.35
N PRO A 69 7.41 -5.51 17.55
CA PRO A 69 7.23 -5.63 16.11
C PRO A 69 6.81 -7.02 15.65
N ALA A 70 6.01 -7.01 14.59
CA ALA A 70 5.82 -8.18 13.75
C ALA A 70 6.89 -8.17 12.66
N ARG A 71 7.21 -9.36 12.14
CA ARG A 71 8.26 -9.51 11.15
C ARG A 71 7.79 -10.40 10.02
N LEU A 72 8.59 -10.46 8.96
CA LEU A 72 8.23 -11.20 7.76
C LEU A 72 7.88 -12.65 8.10
N ASP A 73 6.75 -13.11 7.56
CA ASP A 73 6.23 -14.46 7.65
C ASP A 73 5.61 -14.80 9.01
N ASP A 74 5.52 -13.85 9.95
CA ASP A 74 4.77 -14.12 11.18
C ASP A 74 3.31 -14.40 10.84
N MET A 75 2.70 -15.34 11.57
CA MET A 75 1.27 -15.49 11.55
C MET A 75 0.71 -14.79 12.79
N LEU A 76 -0.11 -13.77 12.57
CA LEU A 76 -0.67 -12.94 13.62
C LEU A 76 -2.13 -13.30 13.85
N GLU A 77 -2.65 -12.96 15.02
CA GLU A 77 -4.08 -13.00 15.25
C GLU A 77 -4.54 -11.61 15.64
N ILE A 78 -5.49 -11.07 14.87
CA ILE A 78 -6.17 -9.83 15.24
C ILE A 78 -7.41 -10.19 16.05
N GLN A 79 -7.60 -9.49 17.18
CA GLN A 79 -8.72 -9.73 18.09
C GLN A 79 -9.55 -8.46 18.15
N THR A 80 -10.87 -8.59 18.00
CA THR A 80 -11.70 -7.40 17.85
C THR A 80 -12.96 -7.57 18.69
N GLU A 81 -13.36 -6.51 19.37
CA GLU A 81 -14.65 -6.43 20.06
C GLU A 81 -15.28 -5.09 19.76
N ILE A 82 -16.62 -5.07 19.72
CA ILE A 82 -17.34 -3.80 19.72
C ILE A 82 -17.67 -3.48 21.18
N THR A 83 -17.13 -2.37 21.68
CA THR A 83 -17.29 -2.04 23.09
C THR A 83 -18.30 -0.93 23.37
N SER A 84 -18.72 -0.18 22.35
CA SER A 84 -19.81 0.79 22.49
C SER A 84 -20.57 0.85 21.18
N MET A 85 -21.88 1.10 21.27
CA MET A 85 -22.71 1.20 20.07
C MET A 85 -23.84 2.17 20.35
N ARG A 86 -23.92 3.23 19.57
CA ARG A 86 -24.76 4.36 19.94
C ARG A 86 -25.10 5.20 18.71
N GLY A 87 -26.39 5.37 18.45
CA GLY A 87 -26.88 6.25 17.41
C GLY A 87 -26.29 6.00 16.04
N THR A 88 -25.26 6.77 15.69
CA THR A 88 -24.60 6.66 14.40
C THR A 88 -23.25 5.97 14.47
N SER A 89 -22.79 5.57 15.65
CA SER A 89 -21.36 5.27 15.79
C SER A 89 -21.14 3.99 16.60
N LEU A 90 -19.97 3.39 16.40
CA LEU A 90 -19.54 2.26 17.21
C LEU A 90 -18.07 2.44 17.57
N VAL A 91 -17.69 1.88 18.72
CA VAL A 91 -16.28 1.84 19.11
C VAL A 91 -15.80 0.40 19.03
N PHE A 92 -14.70 0.20 18.31
CA PHE A 92 -14.03 -1.09 18.24
C PHE A 92 -12.78 -1.05 19.11
N THR A 93 -12.55 -2.12 19.85
CA THR A 93 -11.33 -2.27 20.63
C THR A 93 -10.62 -3.48 20.05
N GLN A 94 -9.36 -3.32 19.64
CA GLN A 94 -8.67 -4.38 18.92
C GLN A 94 -7.24 -4.58 19.46
N ARG A 95 -6.70 -5.78 19.25
CA ARG A 95 -5.30 -5.99 19.56
C ARG A 95 -4.73 -7.07 18.64
N ILE A 96 -3.40 -7.13 18.60
CA ILE A 96 -2.70 -8.08 17.73
C ILE A 96 -1.73 -8.86 18.58
N VAL A 97 -1.81 -10.19 18.51
CA VAL A 97 -0.83 -11.05 19.15
C VAL A 97 -0.14 -11.87 18.06
N ASN A 98 1.07 -12.34 18.37
CA ASN A 98 1.76 -13.20 17.43
C ASN A 98 1.54 -14.65 17.83
N ALA A 99 2.30 -15.56 17.21
CA ALA A 99 2.05 -16.98 17.42
C ALA A 99 2.42 -17.43 18.83
N GLU A 100 3.26 -16.69 19.54
CA GLU A 100 3.58 -17.03 20.91
C GLU A 100 2.65 -16.38 21.93
N ASN A 101 1.59 -15.71 21.46
CA ASN A 101 0.64 -14.94 22.26
C ASN A 101 1.25 -13.68 22.88
N THR A 102 2.37 -13.21 22.33
CA THR A 102 2.92 -11.94 22.75
C THR A 102 2.04 -10.82 22.22
N LEU A 103 1.75 -9.83 23.07
CA LEU A 103 0.92 -8.69 22.67
C LEU A 103 1.78 -7.70 21.88
N LEU A 104 1.54 -7.58 20.59
CA LEU A 104 2.32 -6.70 19.74
C LEU A 104 1.78 -5.28 19.67
N ASN A 105 0.46 -5.12 19.73
CA ASN A 105 -0.19 -3.91 19.27
C ASN A 105 -1.61 -3.88 19.84
N GLU A 106 -2.10 -2.67 20.14
CA GLU A 106 -3.48 -2.46 20.56
C GLU A 106 -4.02 -1.22 19.88
N ALA A 107 -5.32 -1.21 19.58
CA ALA A 107 -5.91 -0.04 18.96
C ALA A 107 -7.34 0.16 19.44
N GLU A 108 -7.79 1.41 19.44
CA GLU A 108 -9.19 1.74 19.69
C GLU A 108 -9.65 2.62 18.53
N VAL A 109 -10.77 2.27 17.91
CA VAL A 109 -11.21 2.90 16.67
C VAL A 109 -12.66 3.35 16.82
N LEU A 110 -12.93 4.65 16.62
CA LEU A 110 -14.29 5.17 16.59
C LEU A 110 -14.74 5.23 15.14
N VAL A 111 -15.87 4.57 14.85
CA VAL A 111 -16.37 4.42 13.49
C VAL A 111 -17.75 5.05 13.40
N VAL A 112 -18.00 5.79 12.32
CA VAL A 112 -19.26 6.51 12.13
C VAL A 112 -19.92 6.00 10.87
N CYS A 113 -21.22 5.70 10.97
CA CYS A 113 -22.02 5.33 9.82
C CYS A 113 -22.41 6.59 9.04
N VAL A 114 -22.18 6.59 7.73
CA VAL A 114 -22.52 7.75 6.90
C VAL A 114 -23.30 7.33 5.67
N ASP A 115 -24.04 8.30 5.10
CA ASP A 115 -24.50 8.21 3.72
C ASP A 115 -23.32 8.61 2.84
N PRO A 116 -22.77 7.71 2.03
CA PRO A 116 -21.51 8.00 1.33
C PRO A 116 -21.66 9.06 0.25
N LEU A 117 -22.87 9.36 -0.21
CA LEU A 117 -23.01 10.39 -1.23
C LEU A 117 -22.96 11.79 -0.63
N LYS A 118 -23.41 11.96 0.62
CA LYS A 118 -23.40 13.25 1.28
C LYS A 118 -22.30 13.37 2.35
N MET A 119 -21.58 12.28 2.66
CA MET A 119 -20.64 12.23 3.77
C MET A 119 -21.27 12.83 5.03
N LYS A 120 -22.48 12.35 5.33
CA LYS A 120 -23.33 12.83 6.40
C LYS A 120 -23.68 11.65 7.30
N PRO A 121 -23.57 11.79 8.61
CA PRO A 121 -23.84 10.64 9.49
C PRO A 121 -25.30 10.21 9.41
N ARG A 122 -25.53 8.92 9.61
CA ARG A 122 -26.88 8.38 9.69
C ARG A 122 -26.92 7.27 10.74
N ALA A 123 -28.14 6.99 11.21
CA ALA A 123 -28.30 5.96 12.23
C ALA A 123 -27.78 4.63 11.71
N LEU A 124 -27.21 3.84 12.62
CA LEU A 124 -26.80 2.49 12.28
C LEU A 124 -27.99 1.71 11.72
N PRO A 125 -27.80 0.90 10.69
CA PRO A 125 -28.90 0.05 10.22
C PRO A 125 -29.46 -0.80 11.36
N LYS A 126 -30.79 -0.89 11.41
CA LYS A 126 -31.44 -1.61 12.49
C LYS A 126 -30.97 -3.06 12.56
N SER A 127 -30.72 -3.68 11.41
CA SER A 127 -30.28 -5.07 11.42
C SER A 127 -28.87 -5.23 11.98
N ILE A 128 -28.04 -4.20 11.87
CA ILE A 128 -26.71 -4.28 12.46
C ILE A 128 -26.80 -4.10 13.95
N VAL A 129 -27.65 -3.16 14.41
CA VAL A 129 -27.86 -2.97 15.84
C VAL A 129 -28.37 -4.27 16.46
N ALA A 130 -29.24 -4.98 15.74
CA ALA A 130 -29.77 -6.24 16.27
C ALA A 130 -28.68 -7.31 16.39
N GLU A 131 -27.73 -7.33 15.46
CA GLU A 131 -26.68 -8.36 15.50
C GLU A 131 -25.80 -8.23 16.74
N PHE A 132 -25.44 -6.99 17.10
CA PHE A 132 -24.39 -6.78 18.10
C PHE A 132 -24.92 -6.30 19.45
N LYS A 133 -26.21 -6.50 19.73
CA LYS A 133 -26.75 -6.16 21.03
C LYS A 133 -27.10 -7.41 21.83
N THR B 4 1.41 -29.09 -12.72
CA THR B 4 0.58 -29.04 -11.53
C THR B 4 0.02 -27.63 -11.34
N LEU B 5 -0.79 -27.42 -10.30
CA LEU B 5 -1.43 -26.14 -10.08
C LEU B 5 -1.53 -25.88 -8.59
N PHE B 6 -1.16 -24.68 -8.15
CA PHE B 6 -1.33 -24.29 -6.76
C PHE B 6 -2.34 -23.15 -6.67
N ARG B 7 -3.31 -23.29 -5.77
CA ARG B 7 -4.38 -22.32 -5.62
C ARG B 7 -4.25 -21.57 -4.30
N TRP B 8 -4.46 -20.27 -4.35
CA TRP B 8 -4.38 -19.44 -3.16
C TRP B 8 -5.55 -18.46 -3.13
N PRO B 9 -6.37 -18.47 -2.09
CA PRO B 9 -7.49 -17.52 -2.01
C PRO B 9 -7.01 -16.16 -1.53
N VAL B 10 -7.65 -15.10 -2.05
CA VAL B 10 -7.37 -13.73 -1.65
C VAL B 10 -8.68 -12.97 -1.57
N ARG B 11 -8.98 -12.39 -0.41
CA ARG B 11 -10.12 -11.49 -0.24
C ARG B 11 -9.71 -10.06 -0.55
N VAL B 12 -10.58 -9.35 -1.30
CA VAL B 12 -10.34 -7.93 -1.62
C VAL B 12 -10.86 -7.05 -0.48
N TYR B 13 -9.98 -6.20 0.06
CA TYR B 13 -10.33 -5.26 1.12
C TYR B 13 -10.25 -3.82 0.60
N TYR B 14 -10.76 -2.89 1.43
CA TYR B 14 -10.74 -1.48 1.04
C TYR B 14 -9.34 -1.01 0.65
N GLU B 15 -8.30 -1.47 1.36
CA GLU B 15 -6.93 -1.06 1.05
C GLU B 15 -6.54 -1.38 -0.38
N ASP B 16 -7.20 -2.36 -1.00
CA ASP B 16 -6.86 -2.81 -2.35
C ASP B 16 -7.64 -2.06 -3.41
N THR B 17 -8.70 -1.35 -3.03
CA THR B 17 -9.57 -0.69 -3.98
C THR B 17 -9.11 0.74 -4.17
N ALA B 18 -9.64 1.35 -5.23
CA ALA B 18 -9.41 2.76 -5.53
C ALA B 18 -10.74 3.44 -5.78
N ALA B 19 -10.70 4.77 -5.77
CA ALA B 19 -11.85 5.57 -6.18
C ALA B 19 -12.30 5.13 -7.56
N GLY B 20 -13.61 5.01 -7.75
CA GLY B 20 -14.17 4.39 -8.93
C GLY B 20 -14.62 2.96 -8.71
N GLY B 21 -14.15 2.31 -7.65
CA GLY B 21 -14.76 1.09 -7.16
C GLY B 21 -14.16 -0.19 -7.70
N VAL B 22 -12.92 -0.17 -8.17
CA VAL B 22 -12.24 -1.36 -8.64
C VAL B 22 -10.91 -1.49 -7.90
N VAL B 23 -10.32 -2.67 -7.99
CA VAL B 23 -9.02 -2.90 -7.37
C VAL B 23 -7.94 -2.13 -8.11
N TYR B 24 -7.06 -1.49 -7.35
CA TYR B 24 -5.96 -0.72 -7.90
C TYR B 24 -4.96 -1.66 -8.58
N HIS B 25 -4.41 -1.24 -9.72
CA HIS B 25 -3.68 -2.18 -10.56
C HIS B 25 -2.44 -2.75 -9.86
N ALA B 26 -1.77 -1.98 -9.00
CA ALA B 26 -0.60 -2.51 -8.31
C ALA B 26 -0.98 -3.53 -7.23
N SER B 27 -2.23 -3.50 -6.74
CA SER B 27 -2.64 -4.49 -5.74
C SER B 27 -2.56 -5.90 -6.29
N TYR B 28 -2.91 -6.08 -7.56
CA TYR B 28 -2.80 -7.41 -8.17
C TYR B 28 -1.36 -7.91 -8.11
N VAL B 29 -0.39 -7.01 -8.31
CA VAL B 29 1.01 -7.40 -8.28
C VAL B 29 1.37 -8.01 -6.94
N ALA B 30 0.92 -7.38 -5.84
CA ALA B 30 1.19 -7.96 -4.53
C ALA B 30 0.44 -9.28 -4.34
N PHE B 31 -0.82 -9.36 -4.81
CA PHE B 31 -1.55 -10.63 -4.70
C PHE B 31 -0.75 -11.76 -5.33
N TYR B 32 -0.22 -11.53 -6.54
CA TYR B 32 0.56 -12.58 -7.20
C TYR B 32 1.77 -12.97 -6.37
N GLU B 33 2.43 -11.99 -5.73
CA GLU B 33 3.60 -12.33 -4.92
C GLU B 33 3.22 -13.20 -3.74
N ARG B 34 2.11 -12.90 -3.07
CA ARG B 34 1.65 -13.75 -1.96
C ARG B 34 1.47 -15.18 -2.42
N ALA B 35 0.87 -15.36 -3.61
CA ALA B 35 0.58 -16.71 -4.10
C ALA B 35 1.87 -17.46 -4.41
N ARG B 36 2.86 -16.77 -5.00
CA ARG B 36 4.16 -17.43 -5.21
C ARG B 36 4.78 -17.83 -3.87
N THR B 37 4.73 -16.93 -2.89
CA THR B 37 5.27 -17.23 -1.56
C THR B 37 4.58 -18.44 -0.95
N GLU B 38 3.27 -18.53 -1.09
CA GLU B 38 2.53 -19.65 -0.51
C GLU B 38 2.72 -20.93 -1.32
N MET B 39 2.91 -20.82 -2.64
CA MET B 39 3.28 -21.99 -3.41
C MET B 39 4.60 -22.57 -2.90
N LEU B 40 5.61 -21.72 -2.74
CA LEU B 40 6.89 -22.17 -2.23
C LEU B 40 6.75 -22.76 -0.83
N ARG B 41 5.95 -22.11 0.02
CA ARG B 41 5.77 -22.61 1.38
C ARG B 41 5.15 -24.01 1.38
N HIS B 42 4.21 -24.25 0.47
CA HIS B 42 3.57 -25.55 0.36
C HIS B 42 4.57 -26.67 0.10
N HIS B 43 5.69 -26.36 -0.54
CA HIS B 43 6.75 -27.33 -0.76
C HIS B 43 7.89 -27.18 0.24
N HIS B 44 7.62 -26.49 1.36
CA HIS B 44 8.54 -26.31 2.47
C HIS B 44 9.68 -25.36 2.15
N PHE B 45 9.52 -24.54 1.10
CA PHE B 45 10.48 -23.47 0.83
C PHE B 45 9.95 -22.19 1.48
N SER B 46 9.95 -22.23 2.81
CA SER B 46 9.69 -21.06 3.64
C SER B 46 10.86 -20.09 3.55
N GLN B 47 10.64 -18.88 4.06
CA GLN B 47 11.72 -17.91 4.15
C GLN B 47 12.92 -18.46 4.91
N GLN B 48 12.66 -19.14 6.03
CA GLN B 48 13.75 -19.79 6.77
C GLN B 48 14.54 -20.74 5.89
N ALA B 49 13.84 -21.58 5.12
CA ALA B 49 14.52 -22.58 4.30
C ALA B 49 15.33 -21.91 3.20
N LEU B 50 14.82 -20.83 2.61
CA LEU B 50 15.57 -20.14 1.57
C LEU B 50 16.83 -19.49 2.14
N MET B 51 16.70 -18.80 3.27
CA MET B 51 17.88 -18.22 3.91
C MET B 51 18.95 -19.28 4.17
N ALA B 52 18.55 -20.44 4.68
CA ALA B 52 19.52 -21.49 4.95
C ALA B 52 20.15 -22.04 3.68
N GLU B 53 19.48 -21.90 2.55
CA GLU B 53 20.05 -22.27 1.26
C GLU B 53 20.84 -21.13 0.63
N ARG B 54 20.89 -19.97 1.27
CA ARG B 54 21.62 -18.80 0.77
C ARG B 54 21.03 -18.34 -0.56
N VAL B 55 19.71 -18.34 -0.67
CA VAL B 55 19.05 -17.87 -1.88
C VAL B 55 17.94 -16.89 -1.52
N ALA B 56 17.74 -15.93 -2.39
CA ALA B 56 16.54 -15.11 -2.42
C ALA B 56 16.07 -15.07 -3.87
N PHE B 57 14.81 -14.69 -4.06
CA PHE B 57 14.22 -14.60 -5.38
C PHE B 57 13.79 -13.16 -5.64
N VAL B 58 14.11 -12.65 -6.82
CA VAL B 58 13.72 -11.30 -7.20
C VAL B 58 13.00 -11.36 -8.53
N VAL B 59 12.03 -10.45 -8.70
CA VAL B 59 11.32 -10.36 -9.97
C VAL B 59 12.21 -9.64 -10.98
N ARG B 60 12.49 -10.31 -12.11
CA ARG B 60 13.26 -9.73 -13.20
C ARG B 60 12.38 -9.05 -14.25
N LYS B 61 11.28 -9.68 -14.64
CA LYS B 61 10.38 -9.13 -15.65
C LYS B 61 8.99 -9.63 -15.34
N MET B 62 7.98 -8.81 -15.59
CA MET B 62 6.63 -9.30 -15.31
C MET B 62 5.66 -8.61 -16.25
N THR B 63 4.79 -9.41 -16.86
CA THR B 63 3.72 -8.93 -17.72
C THR B 63 2.38 -9.28 -17.09
N VAL B 64 1.49 -8.30 -17.00
CA VAL B 64 0.19 -8.49 -16.36
C VAL B 64 -0.90 -8.05 -17.34
N GLU B 65 -1.90 -8.91 -17.54
CA GLU B 65 -3.08 -8.61 -18.35
C GLU B 65 -4.27 -8.38 -17.44
N TYR B 66 -4.95 -7.24 -17.60
CA TYR B 66 -6.10 -6.87 -16.78
C TYR B 66 -7.36 -6.98 -17.64
N TYR B 67 -8.08 -8.11 -17.51
CA TYR B 67 -9.22 -8.43 -18.37
C TYR B 67 -10.55 -7.88 -17.83
N ALA B 68 -10.74 -7.94 -16.52
CA ALA B 68 -11.97 -7.49 -15.89
C ALA B 68 -11.66 -7.17 -14.43
N PRO B 69 -12.40 -6.27 -13.81
CA PRO B 69 -12.00 -5.81 -12.47
C PRO B 69 -12.46 -6.74 -11.34
N ALA B 70 -11.62 -6.80 -10.31
CA ALA B 70 -12.06 -7.26 -9.00
C ALA B 70 -12.61 -6.08 -8.22
N ARG B 71 -13.51 -6.35 -7.27
CA ARG B 71 -14.15 -5.31 -6.47
C ARG B 71 -14.09 -5.65 -5.00
N LEU B 72 -14.35 -4.63 -4.16
CA LEU B 72 -14.44 -4.81 -2.71
C LEU B 72 -15.30 -6.02 -2.38
N ASP B 73 -14.82 -6.86 -1.44
CA ASP B 73 -15.47 -8.03 -0.89
C ASP B 73 -15.38 -9.26 -1.80
N ASP B 74 -14.84 -9.15 -3.02
CA ASP B 74 -14.65 -10.34 -3.85
C ASP B 74 -13.73 -11.34 -3.16
N MET B 75 -14.08 -12.62 -3.20
CA MET B 75 -13.14 -13.67 -2.82
C MET B 75 -12.57 -14.24 -4.12
N LEU B 76 -11.27 -14.00 -4.33
CA LEU B 76 -10.57 -14.39 -5.54
C LEU B 76 -9.80 -15.69 -5.32
N GLU B 77 -9.49 -16.36 -6.42
CA GLU B 77 -8.56 -17.49 -6.40
C GLU B 77 -7.40 -17.15 -7.30
N ILE B 78 -6.18 -17.17 -6.76
CA ILE B 78 -4.96 -17.06 -7.57
C ILE B 78 -4.52 -18.47 -7.93
N GLN B 79 -4.24 -18.71 -9.21
CA GLN B 79 -3.74 -20.00 -9.65
C GLN B 79 -2.32 -19.82 -10.16
N THR B 80 -1.40 -20.67 -9.68
CA THR B 80 0.02 -20.47 -9.93
C THR B 80 0.67 -21.78 -10.35
N GLU B 81 1.52 -21.69 -11.37
CA GLU B 81 2.30 -22.82 -11.88
C GLU B 81 3.68 -22.33 -12.28
N ILE B 82 4.70 -23.16 -12.05
CA ILE B 82 6.03 -22.92 -12.61
C ILE B 82 6.07 -23.56 -13.98
N THR B 83 6.22 -22.74 -15.02
CA THR B 83 6.11 -23.24 -16.38
C THR B 83 7.45 -23.44 -17.06
N SER B 84 8.54 -22.90 -16.50
CA SER B 84 9.86 -23.24 -17.00
C SER B 84 10.86 -22.93 -15.91
N MET B 85 12.01 -23.58 -16.00
CA MET B 85 13.03 -23.53 -14.96
C MET B 85 14.37 -23.78 -15.63
N ARG B 86 15.26 -22.80 -15.55
CA ARG B 86 16.53 -22.93 -16.26
C ARG B 86 17.61 -22.13 -15.55
N GLY B 87 18.74 -22.79 -15.27
CA GLY B 87 19.92 -22.13 -14.74
C GLY B 87 19.69 -21.41 -13.44
N THR B 88 19.51 -20.10 -13.52
CA THR B 88 19.36 -19.24 -12.35
C THR B 88 17.95 -18.68 -12.22
N SER B 89 17.02 -19.09 -13.09
CA SER B 89 15.74 -18.40 -13.13
C SER B 89 14.57 -19.38 -13.24
N LEU B 90 13.39 -18.87 -12.87
CA LEU B 90 12.11 -19.58 -12.93
C LEU B 90 11.09 -18.68 -13.60
N VAL B 91 10.17 -19.27 -14.37
CA VAL B 91 9.02 -18.52 -14.87
C VAL B 91 7.78 -19.04 -14.18
N PHE B 92 7.03 -18.14 -13.55
CA PHE B 92 5.73 -18.43 -12.96
C PHE B 92 4.65 -17.92 -13.90
N THR B 93 3.66 -18.77 -14.19
CA THR B 93 2.45 -18.33 -14.87
C THR B 93 1.32 -18.32 -13.86
N GLN B 94 0.60 -17.19 -13.77
CA GLN B 94 -0.41 -17.01 -12.73
C GLN B 94 -1.67 -16.42 -13.31
N ARG B 95 -2.81 -16.77 -12.72
CA ARG B 95 -4.11 -16.27 -13.16
C ARG B 95 -4.96 -15.97 -11.93
N ILE B 96 -5.93 -15.06 -12.11
CA ILE B 96 -6.86 -14.72 -11.05
C ILE B 96 -8.28 -14.90 -11.57
N VAL B 97 -9.10 -15.64 -10.84
CA VAL B 97 -10.51 -15.77 -11.18
C VAL B 97 -11.32 -15.34 -9.97
N ASN B 98 -12.57 -14.94 -10.22
CA ASN B 98 -13.44 -14.59 -9.11
C ASN B 98 -14.33 -15.79 -8.76
N ALA B 99 -15.29 -15.57 -7.85
CA ALA B 99 -16.05 -16.69 -7.35
C ALA B 99 -17.02 -17.28 -8.37
N GLU B 100 -17.27 -16.59 -9.47
CA GLU B 100 -18.02 -17.14 -10.60
C GLU B 100 -17.11 -17.73 -11.67
N ASN B 101 -15.83 -17.90 -11.35
CA ASN B 101 -14.78 -18.41 -12.24
C ASN B 101 -14.55 -17.53 -13.47
N THR B 102 -14.94 -16.26 -13.40
CA THR B 102 -14.57 -15.30 -14.44
C THR B 102 -13.07 -15.02 -14.37
N LEU B 103 -12.39 -15.14 -15.52
CA LEU B 103 -10.97 -14.80 -15.55
C LEU B 103 -10.80 -13.29 -15.53
N LEU B 104 -10.19 -12.79 -14.46
CA LEU B 104 -10.00 -11.36 -14.27
C LEU B 104 -8.62 -10.87 -14.73
N ASN B 105 -7.59 -11.70 -14.58
CA ASN B 105 -6.24 -11.17 -14.63
C ASN B 105 -5.30 -12.34 -14.90
N GLU B 106 -4.20 -12.08 -15.61
CA GLU B 106 -3.16 -13.11 -15.63
C GLU B 106 -1.78 -12.48 -15.74
N ALA B 107 -0.76 -13.24 -15.35
CA ALA B 107 0.58 -12.67 -15.29
C ALA B 107 1.59 -13.74 -15.66
N GLU B 108 2.69 -13.30 -16.26
CA GLU B 108 3.87 -14.13 -16.46
C GLU B 108 5.05 -13.43 -15.78
N VAL B 109 5.73 -14.14 -14.88
CA VAL B 109 6.70 -13.53 -13.99
C VAL B 109 8.02 -14.29 -14.10
N LEU B 110 9.04 -13.61 -14.61
CA LEU B 110 10.39 -14.17 -14.64
C LEU B 110 11.08 -13.82 -13.33
N VAL B 111 11.51 -14.84 -12.60
CA VAL B 111 12.06 -14.70 -11.27
C VAL B 111 13.49 -15.22 -11.31
N VAL B 112 14.43 -14.43 -10.79
CA VAL B 112 15.85 -14.79 -10.77
C VAL B 112 16.26 -15.17 -9.35
N CYS B 113 17.02 -16.25 -9.24
CA CYS B 113 17.59 -16.67 -7.97
C CYS B 113 18.87 -15.88 -7.72
N VAL B 114 18.94 -15.19 -6.58
CA VAL B 114 20.09 -14.36 -6.27
C VAL B 114 20.66 -14.76 -4.92
N ASP B 115 21.96 -14.52 -4.75
CA ASP B 115 22.49 -14.53 -3.40
C ASP B 115 22.16 -13.20 -2.73
N PRO B 116 21.71 -13.21 -1.48
CA PRO B 116 21.33 -11.94 -0.81
C PRO B 116 22.51 -11.02 -0.49
N LEU B 117 23.77 -11.40 -0.78
CA LEU B 117 24.86 -10.47 -0.47
C LEU B 117 24.87 -9.33 -1.49
N LYS B 118 25.31 -9.59 -2.72
CA LYS B 118 25.32 -8.58 -3.78
C LYS B 118 24.05 -8.57 -4.61
N MET B 119 23.07 -9.43 -4.27
CA MET B 119 21.90 -9.64 -5.11
C MET B 119 22.33 -10.05 -6.52
N LYS B 120 23.43 -10.85 -6.60
CA LYS B 120 23.92 -11.36 -7.86
C LYS B 120 23.30 -12.73 -8.16
N PRO B 121 23.07 -13.02 -9.43
CA PRO B 121 22.40 -14.28 -9.79
C PRO B 121 23.22 -15.49 -9.39
N ARG B 122 22.53 -16.51 -8.90
CA ARG B 122 23.15 -17.79 -8.56
C ARG B 122 22.26 -18.92 -9.04
N ALA B 123 22.88 -20.08 -9.28
CA ALA B 123 22.14 -21.25 -9.72
C ALA B 123 21.02 -21.59 -8.75
N LEU B 124 19.94 -22.16 -9.28
CA LEU B 124 18.85 -22.59 -8.42
C LEU B 124 19.31 -23.70 -7.49
N PRO B 125 18.81 -23.74 -6.25
CA PRO B 125 19.14 -24.86 -5.36
C PRO B 125 18.71 -26.18 -5.96
N LYS B 126 19.51 -27.22 -5.72
CA LYS B 126 19.19 -28.52 -6.30
C LYS B 126 17.84 -29.02 -5.81
N SER B 127 17.47 -28.69 -4.58
CA SER B 127 16.17 -29.11 -4.04
C SER B 127 15.02 -28.45 -4.78
N ILE B 128 15.14 -27.14 -5.07
CA ILE B 128 14.11 -26.46 -5.86
C ILE B 128 13.98 -27.13 -7.22
N VAL B 129 15.11 -27.39 -7.87
CA VAL B 129 15.09 -28.07 -9.16
C VAL B 129 14.47 -29.45 -9.03
N ALA B 130 14.89 -30.20 -8.01
CA ALA B 130 14.38 -31.56 -7.83
C ALA B 130 12.88 -31.56 -7.54
N GLU B 131 12.41 -30.57 -6.78
CA GLU B 131 11.02 -30.58 -6.34
C GLU B 131 10.07 -30.20 -7.47
N PHE B 132 10.47 -29.26 -8.33
CA PHE B 132 9.58 -28.70 -9.32
C PHE B 132 9.84 -29.21 -10.74
N LYS B 133 10.84 -30.06 -10.94
CA LYS B 133 10.96 -30.75 -12.21
C LYS B 133 9.90 -31.85 -12.23
N THR C 4 6.45 13.85 -26.87
CA THR C 4 7.32 14.66 -26.04
C THR C 4 7.44 14.10 -24.62
N LEU C 5 8.68 13.98 -24.15
CA LEU C 5 8.96 13.38 -22.86
C LEU C 5 8.44 14.24 -21.72
N PHE C 6 7.93 13.59 -20.68
CA PHE C 6 7.53 14.24 -19.44
C PHE C 6 8.35 13.65 -18.30
N ARG C 7 8.91 14.51 -17.46
CA ARG C 7 9.75 14.08 -16.34
C ARG C 7 9.04 14.35 -15.03
N TRP C 8 9.12 13.39 -14.11
CA TRP C 8 8.46 13.52 -12.81
C TRP C 8 9.38 13.00 -11.70
N PRO C 9 9.69 13.81 -10.69
CA PRO C 9 10.56 13.36 -9.61
C PRO C 9 9.77 12.62 -8.54
N VAL C 10 10.40 11.61 -7.93
CA VAL C 10 9.79 10.82 -6.87
C VAL C 10 10.84 10.51 -5.80
N ARG C 11 10.56 10.90 -4.55
CA ARG C 11 11.38 10.53 -3.40
C ARG C 11 10.93 9.19 -2.83
N VAL C 12 11.89 8.34 -2.49
CA VAL C 12 11.62 7.04 -1.87
C VAL C 12 11.50 7.20 -0.36
N TYR C 13 10.36 6.80 0.20
CA TYR C 13 10.10 6.82 1.64
C TYR C 13 10.02 5.42 2.21
N TYR C 14 9.99 5.33 3.55
CA TYR C 14 9.88 4.03 4.21
C TYR C 14 8.74 3.17 3.66
N GLU C 15 7.57 3.79 3.42
CA GLU C 15 6.43 3.04 2.95
C GLU C 15 6.71 2.28 1.66
N ASP C 16 7.70 2.73 0.87
CA ASP C 16 8.00 2.14 -0.42
C ASP C 16 8.99 1.00 -0.32
N THR C 17 9.72 0.90 0.79
CA THR C 17 10.76 -0.09 0.98
C THR C 17 10.19 -1.37 1.57
N ALA C 18 10.98 -2.43 1.48
CA ALA C 18 10.64 -3.73 2.06
C ALA C 18 11.85 -4.25 2.83
N ALA C 19 11.64 -5.38 3.52
CA ALA C 19 12.62 -5.93 4.44
C ALA C 19 13.98 -6.18 3.82
N GLY C 20 14.05 -6.36 2.50
CA GLY C 20 15.38 -6.47 1.91
C GLY C 20 16.19 -5.18 1.85
N GLY C 21 15.61 -4.06 2.26
CA GLY C 21 16.32 -2.79 2.24
C GLY C 21 16.20 -1.99 0.95
N VAL C 22 15.40 -2.45 0.00
CA VAL C 22 15.24 -1.78 -1.28
C VAL C 22 13.74 -1.57 -1.53
N VAL C 23 13.44 -0.81 -2.59
CA VAL C 23 12.04 -0.54 -2.92
C VAL C 23 11.33 -1.81 -3.33
N TYR C 24 10.13 -2.00 -2.80
CA TYR C 24 9.29 -3.13 -3.14
C TYR C 24 8.90 -3.09 -4.62
N HIS C 25 8.94 -4.25 -5.28
CA HIS C 25 8.82 -4.21 -6.74
C HIS C 25 7.47 -3.66 -7.20
N ALA C 26 6.41 -3.83 -6.41
CA ALA C 26 5.11 -3.25 -6.76
C ALA C 26 5.05 -1.74 -6.50
N SER C 27 5.92 -1.19 -5.66
CA SER C 27 5.88 0.26 -5.42
C SER C 27 6.23 1.03 -6.69
N TYR C 28 7.15 0.49 -7.49
CA TYR C 28 7.46 1.13 -8.77
C TYR C 28 6.22 1.24 -9.66
N VAL C 29 5.34 0.24 -9.60
CA VAL C 29 4.13 0.30 -10.42
C VAL C 29 3.31 1.53 -10.06
N ALA C 30 3.18 1.82 -8.75
CA ALA C 30 2.50 3.03 -8.34
C ALA C 30 3.23 4.27 -8.83
N PHE C 31 4.57 4.30 -8.70
CA PHE C 31 5.33 5.45 -9.17
C PHE C 31 5.02 5.77 -10.63
N TYR C 32 4.96 4.74 -11.47
CA TYR C 32 4.65 4.92 -12.89
C TYR C 32 3.28 5.55 -13.09
N GLU C 33 2.30 5.13 -12.29
CA GLU C 33 0.96 5.70 -12.37
C GLU C 33 0.97 7.18 -12.02
N ARG C 34 1.69 7.56 -10.96
CA ARG C 34 1.76 8.98 -10.59
C ARG C 34 2.29 9.81 -11.75
N ALA C 35 3.32 9.30 -12.44
CA ALA C 35 3.89 10.05 -13.54
C ALA C 35 2.91 10.21 -14.69
N ARG C 36 2.15 9.16 -15.01
CA ARG C 36 1.14 9.30 -16.06
C ARG C 36 0.09 10.31 -15.65
N THR C 37 -0.36 10.25 -14.39
CA THR C 37 -1.33 11.23 -13.90
C THR C 37 -0.77 12.64 -13.99
N GLU C 38 0.49 12.85 -13.61
CA GLU C 38 1.05 14.20 -13.71
C GLU C 38 1.26 14.64 -15.16
N MET C 39 1.58 13.71 -16.06
CA MET C 39 1.69 14.09 -17.46
C MET C 39 0.36 14.57 -18.00
N LEU C 40 -0.72 13.84 -17.68
CA LEU C 40 -2.05 14.30 -18.04
C LEU C 40 -2.39 15.62 -17.37
N ARG C 41 -2.05 15.75 -16.08
CA ARG C 41 -2.34 17.00 -15.37
C ARG C 41 -1.66 18.18 -16.05
N HIS C 42 -0.43 17.97 -16.52
CA HIS C 42 0.32 19.05 -17.17
C HIS C 42 -0.36 19.51 -18.44
N HIS C 43 -1.14 18.64 -19.08
CA HIS C 43 -1.89 18.97 -20.28
C HIS C 43 -3.35 19.32 -20.01
N HIS C 44 -3.70 19.54 -18.75
CA HIS C 44 -5.00 20.05 -18.27
C HIS C 44 -6.07 18.98 -18.15
N PHE C 45 -5.69 17.77 -17.71
CA PHE C 45 -6.65 16.69 -17.47
C PHE C 45 -6.58 16.26 -16.00
N SER C 46 -7.66 16.50 -15.28
CA SER C 46 -7.84 16.01 -13.91
C SER C 46 -8.72 14.77 -13.94
N GLN C 47 -8.20 13.65 -13.41
CA GLN C 47 -8.97 12.41 -13.47
C GLN C 47 -10.14 12.44 -12.51
N GLN C 48 -10.03 13.20 -11.42
CA GLN C 48 -11.19 13.41 -10.56
C GLN C 48 -12.26 14.19 -11.31
N ALA C 49 -11.86 15.21 -12.07
CA ALA C 49 -12.82 15.94 -12.89
C ALA C 49 -13.40 15.07 -13.99
N LEU C 50 -12.54 14.31 -14.70
CA LEU C 50 -13.02 13.50 -15.82
C LEU C 50 -14.01 12.44 -15.37
N MET C 51 -13.80 11.86 -14.19
CA MET C 51 -14.69 10.81 -13.72
C MET C 51 -16.11 11.31 -13.59
N ALA C 52 -16.28 12.56 -13.16
CA ALA C 52 -17.60 13.18 -13.13
C ALA C 52 -18.19 13.38 -14.54
N GLU C 53 -17.37 13.28 -15.59
CA GLU C 53 -17.86 13.28 -16.97
C GLU C 53 -17.97 11.87 -17.54
N ARG C 54 -17.91 10.84 -16.69
CA ARG C 54 -17.95 9.45 -17.14
C ARG C 54 -16.83 9.15 -18.14
N VAL C 55 -15.64 9.69 -17.88
CA VAL C 55 -14.44 9.38 -18.63
C VAL C 55 -13.38 8.91 -17.65
N ALA C 56 -12.78 7.74 -17.91
CA ALA C 56 -11.77 7.21 -17.02
C ALA C 56 -10.77 6.39 -17.83
N PHE C 57 -9.59 6.20 -17.25
CA PHE C 57 -8.51 5.47 -17.91
C PHE C 57 -8.09 4.31 -17.02
N VAL C 58 -8.04 3.11 -17.59
CA VAL C 58 -7.66 1.93 -16.81
C VAL C 58 -6.48 1.25 -17.48
N VAL C 59 -5.68 0.54 -16.68
CA VAL C 59 -4.58 -0.24 -17.24
C VAL C 59 -5.15 -1.54 -17.78
N ARG C 60 -4.82 -1.86 -19.04
CA ARG C 60 -5.25 -3.10 -19.67
C ARG C 60 -4.12 -4.11 -19.77
N LYS C 61 -2.88 -3.67 -19.96
CA LYS C 61 -1.74 -4.56 -20.00
C LYS C 61 -0.51 -3.78 -19.57
N MET C 62 0.41 -4.45 -18.88
CA MET C 62 1.61 -3.78 -18.40
C MET C 62 2.76 -4.76 -18.34
N THR C 63 3.91 -4.33 -18.86
CA THR C 63 5.16 -5.05 -18.74
C THR C 63 6.17 -4.17 -18.00
N VAL C 64 6.82 -4.74 -16.99
CA VAL C 64 7.87 -4.04 -16.25
C VAL C 64 9.11 -4.93 -16.23
N GLU C 65 10.27 -4.34 -16.46
CA GLU C 65 11.54 -5.07 -16.37
C GLU C 65 12.43 -4.36 -15.38
N TYR C 66 12.98 -5.12 -14.43
CA TYR C 66 13.71 -4.57 -13.28
C TYR C 66 15.20 -4.84 -13.44
N TYR C 67 16.00 -3.78 -13.37
CA TYR C 67 17.45 -3.91 -13.59
C TYR C 67 18.28 -3.65 -12.35
N ALA C 68 17.89 -2.69 -11.50
CA ALA C 68 18.74 -2.22 -10.42
C ALA C 68 17.86 -1.60 -9.35
N PRO C 69 18.28 -1.62 -8.09
CA PRO C 69 17.41 -1.21 -6.99
C PRO C 69 17.46 0.27 -6.67
N ALA C 70 16.39 0.73 -6.00
CA ALA C 70 16.36 2.02 -5.33
C ALA C 70 16.26 1.78 -3.84
N ARG C 71 16.71 2.75 -3.04
CA ARG C 71 16.75 2.61 -1.61
C ARG C 71 16.13 3.83 -0.95
N LEU C 72 15.80 3.67 0.34
CA LEU C 72 15.28 4.77 1.15
C LEU C 72 16.08 6.05 0.91
N ASP C 73 15.36 7.16 0.74
CA ASP C 73 15.87 8.53 0.56
C ASP C 73 16.39 8.80 -0.85
N ASP C 74 16.41 7.82 -1.76
CA ASP C 74 16.80 8.12 -3.13
C ASP C 74 15.79 9.07 -3.75
N MET C 75 16.30 10.00 -4.55
CA MET C 75 15.45 10.83 -5.40
C MET C 75 15.53 10.27 -6.81
N LEU C 76 14.40 9.79 -7.33
CA LEU C 76 14.31 9.18 -8.64
C LEU C 76 13.69 10.15 -9.64
N GLU C 77 13.85 9.85 -10.93
CA GLU C 77 13.10 10.51 -11.98
C GLU C 77 12.35 9.48 -12.80
N ILE C 78 11.05 9.68 -12.96
CA ILE C 78 10.23 8.89 -13.86
C ILE C 78 10.15 9.62 -15.20
N GLN C 79 10.41 8.91 -16.28
CA GLN C 79 10.38 9.48 -17.63
C GLN C 79 9.27 8.82 -18.43
N THR C 80 8.43 9.62 -19.07
CA THR C 80 7.19 9.11 -19.66
C THR C 80 6.96 9.71 -21.03
N GLU C 81 6.61 8.85 -21.99
CA GLU C 81 6.18 9.26 -23.32
C GLU C 81 4.93 8.46 -23.71
N ILE C 82 4.02 9.11 -24.43
CA ILE C 82 2.94 8.41 -25.12
C ILE C 82 3.49 8.03 -26.49
N THR C 83 3.61 6.73 -26.75
CA THR C 83 4.25 6.27 -27.97
C THR C 83 3.29 5.73 -29.01
N SER C 84 2.05 5.40 -28.62
CA SER C 84 1.06 4.91 -29.55
C SER C 84 -0.30 5.43 -29.13
N MET C 85 -1.17 5.65 -30.11
CA MET C 85 -2.51 6.14 -29.82
C MET C 85 -3.46 5.64 -30.90
N ARG C 86 -4.63 5.16 -30.48
CA ARG C 86 -5.55 4.57 -31.45
C ARG C 86 -7.00 4.96 -31.13
N GLY C 87 -7.93 4.02 -31.27
CA GLY C 87 -9.33 4.31 -31.04
C GLY C 87 -9.65 4.61 -29.59
N THR C 88 -9.67 3.57 -28.75
CA THR C 88 -9.99 3.72 -27.34
C THR C 88 -8.78 3.57 -26.44
N SER C 89 -7.58 3.43 -26.98
CA SER C 89 -6.45 3.11 -26.12
C SER C 89 -5.19 3.83 -26.57
N LEU C 90 -4.21 3.83 -25.67
CA LEU C 90 -2.91 4.45 -25.91
C LEU C 90 -1.85 3.72 -25.10
N VAL C 91 -0.61 3.85 -25.53
CA VAL C 91 0.52 3.17 -24.92
C VAL C 91 1.47 4.20 -24.32
N PHE C 92 1.78 4.03 -23.04
CA PHE C 92 2.79 4.82 -22.34
C PHE C 92 4.07 3.99 -22.25
N THR C 93 5.19 4.59 -22.61
CA THR C 93 6.51 3.99 -22.45
C THR C 93 7.22 4.76 -21.35
N GLN C 94 7.68 4.06 -20.33
CA GLN C 94 8.19 4.74 -19.16
C GLN C 94 9.48 4.08 -18.67
N ARG C 95 10.28 4.87 -17.94
CA ARG C 95 11.44 4.30 -17.26
C ARG C 95 11.77 5.14 -16.03
N ILE C 96 12.55 4.55 -15.13
CA ILE C 96 12.93 5.16 -13.88
C ILE C 96 14.45 5.17 -13.77
N VAL C 97 15.02 6.34 -13.48
CA VAL C 97 16.46 6.48 -13.27
C VAL C 97 16.68 7.09 -11.89
N ASN C 98 17.86 6.85 -11.34
CA ASN C 98 18.18 7.45 -10.05
C ASN C 98 19.00 8.72 -10.28
N ALA C 99 19.55 9.27 -9.19
CA ALA C 99 20.23 10.56 -9.27
C ALA C 99 21.55 10.48 -10.02
N GLU C 100 22.10 9.28 -10.18
CA GLU C 100 23.30 9.07 -10.97
C GLU C 100 23.00 8.71 -12.40
N ASN C 101 21.74 8.83 -12.82
CA ASN C 101 21.26 8.46 -14.15
C ASN C 101 21.38 6.96 -14.43
N THR C 102 21.44 6.15 -13.38
CA THR C 102 21.40 4.70 -13.55
C THR C 102 19.96 4.26 -13.85
N LEU C 103 19.79 3.45 -14.88
CA LEU C 103 18.48 2.93 -15.22
C LEU C 103 18.08 1.84 -14.22
N LEU C 104 17.00 2.07 -13.49
CA LEU C 104 16.56 1.11 -12.48
C LEU C 104 15.58 0.10 -13.07
N ASN C 105 14.61 0.58 -13.84
CA ASN C 105 13.63 -0.31 -14.46
C ASN C 105 12.91 0.46 -15.57
N GLU C 106 12.10 -0.26 -16.33
CA GLU C 106 11.35 0.35 -17.42
C GLU C 106 10.03 -0.39 -17.58
N ALA C 107 9.03 0.31 -18.12
CA ALA C 107 7.70 -0.25 -18.25
C ALA C 107 7.08 0.17 -19.57
N GLU C 108 6.17 -0.67 -20.08
CA GLU C 108 5.29 -0.30 -21.17
C GLU C 108 3.87 -0.59 -20.73
N VAL C 109 2.98 0.39 -20.84
CA VAL C 109 1.66 0.32 -20.23
C VAL C 109 0.61 0.60 -21.29
N LEU C 110 -0.26 -0.38 -21.55
CA LEU C 110 -1.42 -0.18 -22.42
C LEU C 110 -2.60 0.31 -21.59
N VAL C 111 -3.16 1.44 -21.97
CA VAL C 111 -4.22 2.11 -21.21
C VAL C 111 -5.46 2.20 -22.10
N VAL C 112 -6.62 1.90 -21.54
CA VAL C 112 -7.88 1.96 -22.27
C VAL C 112 -8.81 2.99 -21.64
N CYS C 113 -9.45 3.78 -22.49
CA CYS C 113 -10.46 4.74 -22.06
C CYS C 113 -11.81 4.05 -21.93
N VAL C 114 -12.46 4.23 -20.78
CA VAL C 114 -13.74 3.57 -20.52
C VAL C 114 -14.76 4.54 -19.95
N ASP C 115 -16.03 4.18 -20.13
CA ASP C 115 -17.10 4.70 -19.30
C ASP C 115 -17.01 4.01 -17.94
N PRO C 116 -16.70 4.73 -16.86
CA PRO C 116 -16.45 4.05 -15.58
C PRO C 116 -17.69 3.45 -14.94
N LEU C 117 -18.90 3.84 -15.37
CA LEU C 117 -20.09 3.22 -14.80
C LEU C 117 -20.43 1.91 -15.50
N LYS C 118 -20.05 1.76 -16.77
CA LYS C 118 -20.29 0.53 -17.51
C LYS C 118 -19.03 -0.30 -17.71
N MET C 119 -17.86 0.21 -17.35
CA MET C 119 -16.58 -0.44 -17.66
C MET C 119 -16.51 -0.79 -19.14
N LYS C 120 -16.98 0.13 -19.97
CA LYS C 120 -17.14 -0.07 -21.40
C LYS C 120 -16.16 0.82 -22.15
N PRO C 121 -15.35 0.27 -23.04
CA PRO C 121 -14.41 1.09 -23.80
C PRO C 121 -15.11 2.18 -24.59
N ARG C 122 -14.51 3.37 -24.62
CA ARG C 122 -15.04 4.51 -25.37
C ARG C 122 -13.90 5.20 -26.10
N ALA C 123 -14.25 5.84 -27.21
CA ALA C 123 -13.25 6.52 -28.03
C ALA C 123 -12.49 7.54 -27.20
N LEU C 124 -11.22 7.73 -27.54
CA LEU C 124 -10.43 8.74 -26.88
C LEU C 124 -11.05 10.11 -27.13
N PRO C 125 -11.24 10.93 -26.12
CA PRO C 125 -11.73 12.30 -26.36
C PRO C 125 -10.78 13.03 -27.30
N LYS C 126 -11.35 13.67 -28.33
CA LYS C 126 -10.50 14.25 -29.36
C LYS C 126 -9.60 15.35 -28.81
N SER C 127 -9.97 15.97 -27.69
CA SER C 127 -9.04 16.81 -26.95
C SER C 127 -7.71 16.09 -26.72
N ILE C 128 -7.78 14.86 -26.22
CA ILE C 128 -6.56 14.12 -25.89
C ILE C 128 -5.82 13.71 -27.16
N VAL C 129 -6.55 13.33 -28.21
CA VAL C 129 -5.88 12.98 -29.47
C VAL C 129 -5.19 14.20 -30.04
N ALA C 130 -5.81 15.37 -29.93
CA ALA C 130 -5.20 16.59 -30.43
C ALA C 130 -4.04 17.03 -29.55
N GLU C 131 -4.20 16.94 -28.23
CA GLU C 131 -3.16 17.38 -27.31
C GLU C 131 -1.90 16.54 -27.41
N PHE C 132 -2.00 15.30 -27.88
CA PHE C 132 -0.85 14.43 -28.06
C PHE C 132 -0.71 13.98 -29.51
N THR D 3 6.43 26.73 18.30
CA THR D 3 7.57 25.95 17.81
C THR D 3 7.91 26.36 16.39
N THR D 4 9.04 25.88 15.88
CA THR D 4 9.39 26.05 14.48
C THR D 4 8.60 25.03 13.66
N LEU D 5 7.58 25.51 12.96
CA LEU D 5 6.68 24.68 12.20
C LEU D 5 7.28 24.33 10.83
N PHE D 6 6.97 23.12 10.35
CA PHE D 6 7.46 22.67 9.06
C PHE D 6 6.28 22.23 8.19
N ARG D 7 6.27 22.69 6.94
CA ARG D 7 5.19 22.44 6.00
C ARG D 7 5.66 21.50 4.90
N TRP D 8 4.78 20.56 4.50
CA TRP D 8 5.10 19.63 3.42
C TRP D 8 3.86 19.39 2.54
N PRO D 9 3.96 19.61 1.24
CA PRO D 9 2.80 19.41 0.36
C PRO D 9 2.70 17.95 -0.06
N VAL D 10 1.47 17.47 -0.22
CA VAL D 10 1.20 16.10 -0.66
C VAL D 10 0.03 16.09 -1.63
N ARG D 11 0.27 15.53 -2.82
CA ARG D 11 -0.80 15.30 -3.79
C ARG D 11 -1.44 13.93 -3.53
N VAL D 12 -2.78 13.89 -3.62
CA VAL D 12 -3.53 12.64 -3.49
C VAL D 12 -3.64 11.97 -4.85
N TYR D 13 -3.19 10.72 -4.93
CA TYR D 13 -3.25 9.91 -6.14
C TYR D 13 -4.22 8.75 -5.95
N TYR D 14 -4.52 8.05 -7.06
CA TYR D 14 -5.42 6.89 -6.98
C TYR D 14 -5.02 5.90 -5.89
N GLU D 15 -3.72 5.65 -5.75
CA GLU D 15 -3.24 4.65 -4.79
C GLU D 15 -3.66 4.99 -3.37
N ASP D 16 -3.89 6.27 -3.09
CA ASP D 16 -4.27 6.74 -1.77
C ASP D 16 -5.76 6.65 -1.50
N THR D 17 -6.57 6.48 -2.54
CA THR D 17 -8.02 6.53 -2.43
C THR D 17 -8.56 5.11 -2.25
N ALA D 18 -9.81 5.04 -1.78
CA ALA D 18 -10.53 3.80 -1.65
C ALA D 18 -11.86 3.90 -2.37
N ALA D 19 -12.44 2.73 -2.64
CA ALA D 19 -13.78 2.67 -3.21
C ALA D 19 -14.73 3.52 -2.37
N GLY D 20 -15.57 4.30 -3.05
CA GLY D 20 -16.39 5.31 -2.40
C GLY D 20 -15.84 6.72 -2.53
N GLY D 21 -14.56 6.85 -2.86
CA GLY D 21 -14.03 8.12 -3.34
C GLY D 21 -13.38 9.03 -2.31
N VAL D 22 -12.95 8.50 -1.18
CA VAL D 22 -12.20 9.28 -0.18
C VAL D 22 -10.84 8.61 0.04
N VAL D 23 -9.94 9.34 0.68
CA VAL D 23 -8.62 8.78 0.97
C VAL D 23 -8.73 7.71 2.06
N TYR D 24 -8.08 6.57 1.82
CA TYR D 24 -8.06 5.47 2.78
C TYR D 24 -7.38 5.90 4.08
N HIS D 25 -7.94 5.46 5.22
CA HIS D 25 -7.51 6.05 6.49
C HIS D 25 -6.03 5.77 6.76
N ALA D 26 -5.49 4.64 6.28
CA ALA D 26 -4.07 4.39 6.52
C ALA D 26 -3.17 5.27 5.66
N SER D 27 -3.66 5.81 4.56
CA SER D 27 -2.81 6.65 3.72
C SER D 27 -2.37 7.89 4.47
N TYR D 28 -3.27 8.47 5.27
CA TYR D 28 -2.91 9.65 6.05
C TYR D 28 -1.71 9.37 6.95
N VAL D 29 -1.65 8.15 7.51
CA VAL D 29 -0.55 7.78 8.39
C VAL D 29 0.77 7.83 7.63
N ALA D 30 0.77 7.33 6.40
CA ALA D 30 1.96 7.43 5.57
C ALA D 30 2.31 8.90 5.29
N PHE D 31 1.30 9.71 4.96
CA PHE D 31 1.54 11.13 4.68
C PHE D 31 2.25 11.79 5.85
N TYR D 32 1.79 11.52 7.07
CA TYR D 32 2.40 12.11 8.25
C TYR D 32 3.86 11.67 8.37
N GLU D 33 4.15 10.40 8.06
CA GLU D 33 5.53 9.92 8.13
C GLU D 33 6.42 10.65 7.13
N ARG D 34 5.95 10.83 5.90
CA ARG D 34 6.73 11.57 4.92
C ARG D 34 7.09 12.95 5.44
N ALA D 35 6.12 13.61 6.09
CA ALA D 35 6.34 14.96 6.57
C ALA D 35 7.38 14.99 7.70
N ARG D 36 7.37 13.98 8.58
CA ARG D 36 8.41 13.91 9.61
C ARG D 36 9.77 13.67 8.96
N THR D 37 9.81 12.80 7.94
CA THR D 37 11.08 12.52 7.25
C THR D 37 11.63 13.78 6.59
N GLU D 38 10.76 14.55 5.92
CA GLU D 38 11.22 15.76 5.25
C GLU D 38 11.62 16.85 6.24
N MET D 39 10.94 16.93 7.39
CA MET D 39 11.39 17.84 8.44
C MET D 39 12.81 17.53 8.87
N LEU D 40 13.10 16.23 9.05
CA LEU D 40 14.47 15.82 9.37
C LEU D 40 15.42 16.14 8.23
N ARG D 41 15.00 15.93 6.98
CA ARG D 41 15.87 16.24 5.84
C ARG D 41 16.17 17.73 5.78
N HIS D 42 15.17 18.56 6.06
CA HIS D 42 15.36 20.00 6.08
C HIS D 42 16.37 20.44 7.13
N HIS D 43 16.58 19.63 8.17
CA HIS D 43 17.61 19.89 9.17
C HIS D 43 18.83 19.00 8.99
N HIS D 44 19.05 18.49 7.78
CA HIS D 44 20.26 17.76 7.40
C HIS D 44 20.39 16.43 8.15
N PHE D 45 19.38 15.58 8.03
CA PHE D 45 19.43 14.21 8.55
C PHE D 45 18.84 13.28 7.50
N SER D 46 19.49 12.14 7.30
CA SER D 46 19.03 11.10 6.38
C SER D 46 18.87 9.80 7.15
N GLN D 47 17.65 9.25 7.15
CA GLN D 47 17.41 8.02 7.91
C GLN D 47 18.07 6.81 7.27
N GLN D 48 18.31 6.84 5.96
CA GLN D 48 19.15 5.80 5.36
C GLN D 48 20.59 5.94 5.83
N ALA D 49 21.08 7.18 5.98
CA ALA D 49 22.44 7.39 6.47
C ALA D 49 22.55 7.01 7.95
N LEU D 50 21.59 7.40 8.77
CA LEU D 50 21.64 7.10 10.20
C LEU D 50 21.55 5.61 10.49
N MET D 51 20.95 4.82 9.59
CA MET D 51 20.85 3.38 9.81
C MET D 51 22.23 2.74 9.87
N ALA D 52 23.14 3.12 8.96
CA ALA D 52 24.50 2.63 9.02
C ALA D 52 25.18 3.03 10.32
N GLU D 53 24.75 4.14 10.92
CA GLU D 53 25.24 4.57 12.22
C GLU D 53 24.46 3.93 13.37
N ARG D 54 23.62 2.93 13.08
CA ARG D 54 22.84 2.21 14.09
C ARG D 54 21.97 3.17 14.89
N VAL D 55 21.26 4.03 14.16
CA VAL D 55 20.29 4.97 14.75
C VAL D 55 19.04 4.96 13.89
N ALA D 56 17.89 4.76 14.52
CA ALA D 56 16.61 4.75 13.80
C ALA D 56 15.51 5.25 14.71
N PHE D 57 14.33 5.49 14.12
CA PHE D 57 13.18 6.00 14.84
C PHE D 57 11.97 5.14 14.54
N VAL D 58 11.23 4.76 15.59
CA VAL D 58 10.05 3.92 15.41
C VAL D 58 8.87 4.59 16.09
N VAL D 59 7.67 4.33 15.57
CA VAL D 59 6.46 4.87 16.18
C VAL D 59 6.05 3.99 17.34
N ARG D 60 5.82 4.60 18.49
CA ARG D 60 5.39 3.90 19.70
C ARG D 60 3.92 4.09 20.01
N LYS D 61 3.36 5.26 19.72
CA LYS D 61 1.94 5.50 19.93
C LYS D 61 1.49 6.59 18.98
N MET D 62 0.26 6.48 18.49
CA MET D 62 -0.27 7.45 17.54
C MET D 62 -1.77 7.62 17.75
N THR D 63 -2.24 8.87 17.82
CA THR D 63 -3.66 9.19 17.86
C THR D 63 -3.98 10.05 16.63
N VAL D 64 -4.99 9.64 15.87
CA VAL D 64 -5.35 10.36 14.64
C VAL D 64 -6.84 10.70 14.69
N GLU D 65 -7.17 11.97 14.35
CA GLU D 65 -8.54 12.44 14.23
C GLU D 65 -8.84 12.74 12.77
N TYR D 66 -9.91 12.15 12.24
CA TYR D 66 -10.30 12.31 10.83
C TYR D 66 -11.53 13.21 10.81
N TYR D 67 -11.33 14.51 10.60
CA TYR D 67 -12.45 15.47 10.67
C TYR D 67 -13.22 15.59 9.37
N ALA D 68 -12.54 15.43 8.22
CA ALA D 68 -13.13 15.62 6.91
C ALA D 68 -12.24 14.92 5.89
N PRO D 69 -12.81 14.42 4.79
CA PRO D 69 -12.04 13.60 3.85
C PRO D 69 -11.25 14.42 2.83
N ALA D 70 -10.11 13.86 2.45
CA ALA D 70 -9.43 14.27 1.22
C ALA D 70 -9.90 13.39 0.07
N ARG D 71 -9.67 13.88 -1.15
CA ARG D 71 -10.16 13.20 -2.34
C ARG D 71 -9.08 13.20 -3.43
N LEU D 72 -9.28 12.35 -4.42
CA LEU D 72 -8.39 12.26 -5.57
C LEU D 72 -8.08 13.64 -6.14
N ASP D 73 -6.80 13.90 -6.38
CA ASP D 73 -6.24 15.12 -6.96
C ASP D 73 -6.17 16.27 -5.97
N ASP D 74 -6.68 16.14 -4.75
CA ASP D 74 -6.46 17.20 -3.76
C ASP D 74 -4.98 17.44 -3.55
N MET D 75 -4.59 18.71 -3.45
CA MET D 75 -3.25 19.06 -2.98
C MET D 75 -3.37 19.44 -1.51
N LEU D 76 -2.69 18.71 -0.65
CA LEU D 76 -2.78 18.89 0.78
C LEU D 76 -1.50 19.53 1.31
N GLU D 77 -1.59 20.12 2.51
CA GLU D 77 -0.42 20.57 3.25
C GLU D 77 -0.38 19.86 4.59
N ILE D 78 0.71 19.14 4.84
CA ILE D 78 0.98 18.55 6.15
C ILE D 78 1.78 19.55 6.96
N GLN D 79 1.34 19.81 8.19
CA GLN D 79 1.99 20.75 9.10
C GLN D 79 2.53 19.96 10.29
N THR D 80 3.79 20.20 10.67
CA THR D 80 4.47 19.35 11.64
C THR D 80 5.28 20.19 12.62
N GLU D 81 5.15 19.88 13.93
CA GLU D 81 5.96 20.48 14.97
C GLU D 81 6.43 19.39 15.93
N ILE D 82 7.64 19.56 16.48
CA ILE D 82 8.07 18.73 17.59
C ILE D 82 7.69 19.45 18.88
N THR D 83 6.81 18.85 19.66
CA THR D 83 6.28 19.56 20.81
C THR D 83 6.88 19.10 22.14
N SER D 84 7.55 17.95 22.17
CA SER D 84 8.19 17.45 23.39
C SER D 84 9.43 16.66 23.02
N MET D 85 10.46 16.74 23.87
CA MET D 85 11.66 15.92 23.76
C MET D 85 12.16 15.56 25.15
N ARG D 86 12.50 14.28 25.35
CA ARG D 86 13.21 13.87 26.56
C ARG D 86 13.80 12.49 26.34
N GLY D 87 15.05 12.32 26.78
CA GLY D 87 15.71 11.03 26.77
C GLY D 87 15.81 10.36 25.41
N THR D 88 14.97 9.36 25.18
CA THR D 88 15.03 8.54 23.99
C THR D 88 13.94 8.85 22.99
N SER D 89 13.01 9.75 23.31
CA SER D 89 11.77 9.85 22.54
C SER D 89 11.37 11.31 22.36
N LEU D 90 10.43 11.51 21.43
CA LEU D 90 9.92 12.84 21.14
C LEU D 90 8.51 12.71 20.59
N VAL D 91 7.74 13.79 20.73
CA VAL D 91 6.35 13.83 20.30
C VAL D 91 6.23 14.80 19.13
N PHE D 92 5.67 14.32 18.02
CA PHE D 92 5.30 15.18 16.90
C PHE D 92 3.81 15.47 16.97
N THR D 93 3.45 16.74 16.78
CA THR D 93 2.07 17.16 16.59
C THR D 93 1.93 17.59 15.14
N GLN D 94 0.96 17.00 14.44
CA GLN D 94 0.81 17.22 13.00
C GLN D 94 -0.64 17.46 12.63
N ARG D 95 -0.85 18.17 11.52
CA ARG D 95 -2.17 18.51 11.01
C ARG D 95 -2.13 18.44 9.50
N ILE D 96 -3.31 18.27 8.89
CA ILE D 96 -3.44 18.27 7.43
C ILE D 96 -4.56 19.22 7.06
N VAL D 97 -4.26 20.16 6.15
CA VAL D 97 -5.24 21.09 5.63
C VAL D 97 -5.27 20.95 4.12
N ASN D 98 -6.40 21.34 3.53
CA ASN D 98 -6.55 21.34 2.08
C ASN D 98 -6.42 22.77 1.54
N ALA D 99 -6.78 22.94 0.26
CA ALA D 99 -6.54 24.21 -0.41
C ALA D 99 -7.47 25.32 0.07
N GLU D 100 -8.59 24.97 0.72
CA GLU D 100 -9.46 25.95 1.34
C GLU D 100 -9.02 26.30 2.76
N ASN D 101 -7.98 25.64 3.27
CA ASN D 101 -7.55 25.70 4.66
C ASN D 101 -8.52 24.98 5.59
N THR D 102 -9.35 24.09 5.04
CA THR D 102 -10.16 23.21 5.88
C THR D 102 -9.24 22.26 6.63
N LEU D 103 -9.47 22.12 7.92
CA LEU D 103 -8.69 21.20 8.75
C LEU D 103 -9.23 19.79 8.56
N LEU D 104 -8.51 18.93 7.83
CA LEU D 104 -9.01 17.60 7.54
C LEU D 104 -8.67 16.59 8.62
N ASN D 105 -7.56 16.79 9.31
CA ASN D 105 -6.96 15.68 10.05
C ASN D 105 -5.94 16.25 11.01
N GLU D 106 -5.78 15.61 12.16
CA GLU D 106 -4.61 15.94 12.97
C GLU D 106 -4.18 14.71 13.75
N ALA D 107 -2.90 14.70 14.12
CA ALA D 107 -2.33 13.52 14.76
C ALA D 107 -1.31 13.93 15.81
N GLU D 108 -1.14 13.06 16.80
CA GLU D 108 -0.07 13.17 17.79
C GLU D 108 0.68 11.84 17.75
N VAL D 109 2.00 11.90 17.59
CA VAL D 109 2.81 10.73 17.32
C VAL D 109 3.96 10.70 18.32
N LEU D 110 4.02 9.64 19.12
CA LEU D 110 5.14 9.42 20.02
C LEU D 110 6.17 8.56 19.32
N VAL D 111 7.41 9.07 19.21
CA VAL D 111 8.47 8.44 18.44
C VAL D 111 9.63 8.14 19.39
N VAL D 112 10.21 6.95 19.26
CA VAL D 112 11.28 6.48 20.14
C VAL D 112 12.51 6.20 19.28
N CYS D 113 13.66 6.70 19.72
CA CYS D 113 14.91 6.43 19.02
C CYS D 113 15.49 5.09 19.47
N VAL D 114 15.85 4.25 18.50
CA VAL D 114 16.30 2.90 18.83
C VAL D 114 17.59 2.56 18.11
N ASP D 115 18.29 1.57 18.64
CA ASP D 115 19.33 0.94 17.86
C ASP D 115 18.67 -0.10 16.95
N PRO D 116 18.76 0.09 15.64
CA PRO D 116 17.95 -0.74 14.72
C PRO D 116 18.32 -2.21 14.72
N LEU D 117 19.55 -2.57 15.04
CA LEU D 117 19.93 -3.98 15.02
C LEU D 117 19.49 -4.73 16.27
N LYS D 118 18.86 -4.04 17.23
CA LYS D 118 18.46 -4.66 18.49
C LYS D 118 17.09 -4.23 18.99
N MET D 119 16.48 -3.18 18.43
CA MET D 119 15.22 -2.62 18.95
C MET D 119 15.37 -2.23 20.42
N LYS D 120 16.56 -1.72 20.81
CA LYS D 120 16.59 -1.10 22.14
C LYS D 120 16.44 0.40 21.99
N PRO D 121 15.68 1.03 22.88
CA PRO D 121 15.71 2.49 22.96
C PRO D 121 17.09 2.99 23.32
N ARG D 122 17.52 4.05 22.64
CA ARG D 122 18.75 4.74 22.98
C ARG D 122 18.49 6.23 23.03
N ALA D 123 19.34 6.93 23.77
CA ALA D 123 19.19 8.37 23.92
C ALA D 123 19.20 9.06 22.55
N LEU D 124 18.43 10.15 22.47
CA LEU D 124 18.50 11.02 21.30
C LEU D 124 19.91 11.56 21.17
N PRO D 125 20.58 11.39 20.04
CA PRO D 125 21.96 11.85 19.90
C PRO D 125 22.03 13.37 19.87
N LYS D 126 23.13 13.91 20.43
CA LYS D 126 23.19 15.32 20.74
C LYS D 126 23.01 16.19 19.50
N SER D 127 23.44 15.71 18.34
CA SER D 127 23.22 16.44 17.09
C SER D 127 21.76 16.80 16.92
N ILE D 128 20.86 15.82 17.14
CA ILE D 128 19.43 16.03 16.93
C ILE D 128 18.88 17.04 17.93
N VAL D 129 19.12 16.80 19.23
CA VAL D 129 18.50 17.64 20.26
C VAL D 129 19.06 19.06 20.20
N ALA D 130 20.30 19.21 19.77
CA ALA D 130 20.84 20.56 19.56
C ALA D 130 20.01 21.33 18.55
N GLU D 131 19.64 20.68 17.45
CA GLU D 131 18.90 21.34 16.39
C GLU D 131 17.51 21.76 16.85
N PHE D 132 16.70 20.80 17.27
CA PHE D 132 15.32 21.07 17.66
C PHE D 132 15.23 21.49 19.12
#